data_8G2I
#
_entry.id   8G2I
#
_cell.length_a   86.659
_cell.length_b   86.659
_cell.length_c   137.066
_cell.angle_alpha   90.00
_cell.angle_beta   90.00
_cell.angle_gamma   120.00
#
_symmetry.space_group_name_H-M   'P 32 2 1'
#
loop_
_entity.id
_entity.type
_entity.pdbx_description
1 polymer 'Histone-arginine methyltransferase CARM1'
2 non-polymer "5'-([2-(benzylcarbamamido)ethyl]{3-[N'-(3-bromophenyl)carbamimidamido]propyl}amino)-5'-deoxyadenosine"
3 non-polymer 'UNKNOWN ATOM OR ION'
4 water water
#
_entity_poly.entity_id   1
_entity_poly.type   'polypeptide(L)'
_entity_poly.pdbx_seq_one_letter_code
;MHHHHHHSSGRENLYFQGRTEESSAVQYFQFYGYLSQQQNMMQDYVRTGTYQRAILQNHTDFKDKIVLDVGCGSGILSFF
AAQAGARKIYAVEASTMAQHAEVLVKSNNLTDRIVVIPGKVEEVSLPEQVDIIISEPMGYMLFNERMLESYLHAKKYLKP
SGNMFPTIGDVHLAPFTDEQLYMEQFTKANFWYQPSFHGVDLSALRGAAVDEYFRQPVVDTFDIRILMAKSVKYTVNFLE
AKEGDLHRIEIPFKFHMLHSGLVHGLAFWFDVAFIGSIMTVWLSTAPTEPLTHWYQVRCLFQSPLFAKAGDTLSGTCLLI
ANKRQSYDISIVAQVDQTGSKSSNLLDLKNPFFRYTGTT
;
_entity_poly.pdbx_strand_id   A
#
loop_
_chem_comp.id
_chem_comp.type
_chem_comp.name
_chem_comp.formula
I0B non-polymer 5'-([2-(benzylcarbamamido)ethyl]{3-[N'-(3-bromophenyl)carbamimidamido]propyl}amino)-5'-deoxyadenosine 'C30 H38 Br N11 O4'
UNX non-polymer 'UNKNOWN ATOM OR ION' ?
#
# COMPACT_ATOMS: atom_id res chain seq x y z
N TYR A 28 11.94 -10.74 -0.95
CA TYR A 28 11.70 -9.54 -0.11
C TYR A 28 13.00 -9.17 0.64
N PHE A 29 13.79 -10.15 1.14
CA PHE A 29 15.14 -9.92 1.73
C PHE A 29 16.20 -10.35 0.69
N GLN A 30 16.07 -9.90 -0.57
CA GLN A 30 17.13 -9.90 -1.63
C GLN A 30 16.88 -8.73 -2.61
N PHE A 31 15.62 -8.56 -3.10
CA PHE A 31 15.08 -7.45 -3.95
C PHE A 31 15.38 -6.07 -3.30
N TYR A 32 15.30 -6.02 -1.97
CA TYR A 32 15.52 -4.79 -1.17
C TYR A 32 17.02 -4.53 -0.96
N GLY A 33 17.89 -5.52 -1.13
CA GLY A 33 19.35 -5.36 -1.12
C GLY A 33 19.91 -4.58 -2.32
N TYR A 34 19.11 -4.19 -3.31
CA TYR A 34 19.65 -3.47 -4.51
C TYR A 34 19.53 -1.95 -4.37
N LEU A 35 20.67 -1.29 -4.60
CA LEU A 35 20.78 0.17 -4.63
C LEU A 35 19.91 0.71 -5.73
N SER A 36 19.73 -0.03 -6.82
CA SER A 36 18.92 0.49 -7.97
C SER A 36 17.45 0.61 -7.53
N GLN A 37 16.99 -0.30 -6.68
CA GLN A 37 15.64 -0.29 -6.03
C GLN A 37 15.57 0.91 -5.08
N GLN A 38 16.58 1.10 -4.22
CA GLN A 38 16.55 2.26 -3.27
C GLN A 38 16.53 3.54 -4.10
N GLN A 39 17.38 3.60 -5.11
CA GLN A 39 17.41 4.78 -6.02
C GLN A 39 16.03 4.99 -6.66
N ASN A 40 15.39 3.94 -7.20
CA ASN A 40 14.06 4.11 -7.86
C ASN A 40 13.08 4.72 -6.83
N MET A 41 13.06 4.20 -5.59
CA MET A 41 12.08 4.68 -4.57
C MET A 41 12.41 6.10 -4.13
N MET A 42 13.70 6.46 -4.00
CA MET A 42 14.10 7.80 -3.47
C MET A 42 13.78 8.89 -4.46
N GLN A 43 13.68 8.54 -5.74
CA GLN A 43 13.29 9.47 -6.82
C GLN A 43 11.78 9.75 -6.85
N ASP A 44 10.90 9.04 -6.11
CA ASP A 44 9.51 9.55 -5.93
C ASP A 44 9.63 10.77 -4.99
N TYR A 45 9.49 11.95 -5.55
CA TYR A 45 9.72 13.24 -4.88
C TYR A 45 8.64 13.45 -3.80
N VAL A 46 7.41 13.01 -4.02
CA VAL A 46 6.33 13.17 -2.99
C VAL A 46 6.72 12.35 -1.78
N ARG A 47 7.15 11.10 -1.98
CA ARG A 47 7.54 10.19 -0.88
C ARG A 47 8.68 10.83 -0.07
N THR A 48 9.80 11.15 -0.71
CA THR A 48 10.98 11.67 -0.02
C THR A 48 10.63 13.01 0.63
N GLY A 49 10.00 13.92 -0.10
CA GLY A 49 9.74 15.28 0.37
C GLY A 49 8.72 15.24 1.52
N THR A 50 7.71 14.38 1.39
CA THR A 50 6.67 14.31 2.44
C THR A 50 7.27 13.82 3.76
N TYR A 51 8.04 12.75 3.74
CA TYR A 51 8.72 12.24 4.94
C TYR A 51 9.62 13.31 5.54
N GLN A 52 10.39 14.04 4.73
CA GLN A 52 11.35 15.03 5.30
C GLN A 52 10.53 16.14 5.96
N ARG A 53 9.47 16.59 5.31
CA ARG A 53 8.61 17.66 5.83
C ARG A 53 7.92 17.21 7.13
N ALA A 54 7.45 15.99 7.21
CA ALA A 54 6.70 15.48 8.36
C ALA A 54 7.64 15.50 9.58
N ILE A 55 8.86 15.02 9.38
CA ILE A 55 9.83 14.89 10.47
C ILE A 55 10.33 16.27 10.86
N LEU A 56 10.67 17.13 9.90
CA LEU A 56 11.41 18.34 10.26
C LEU A 56 10.42 19.44 10.72
N GLN A 57 9.21 19.50 10.18
CA GLN A 57 8.18 20.40 10.74
C GLN A 57 7.83 20.01 12.17
N ASN A 58 7.98 18.74 12.54
CA ASN A 58 7.73 18.25 13.91
C ASN A 58 9.05 18.04 14.63
N HIS A 59 10.07 18.85 14.33
CA HIS A 59 11.43 18.54 14.86
C HIS A 59 11.48 18.52 16.40
N THR A 60 10.61 19.27 17.10
CA THR A 60 10.56 19.22 18.60
C THR A 60 10.19 17.80 19.05
N ASP A 61 9.54 17.00 18.22
CA ASP A 61 9.22 15.59 18.59
C ASP A 61 10.43 14.67 18.44
N PHE A 62 11.55 15.14 17.89
CA PHE A 62 12.74 14.27 17.67
C PHE A 62 13.90 14.80 18.52
N LYS A 63 13.89 16.08 18.85
CA LYS A 63 15.00 16.80 19.52
C LYS A 63 15.38 16.03 20.77
N ASP A 64 16.62 15.55 20.84
CA ASP A 64 17.18 14.85 22.03
C ASP A 64 16.46 13.54 22.28
N LYS A 65 15.74 12.96 21.31
CA LYS A 65 14.97 11.71 21.60
C LYS A 65 15.68 10.47 21.07
N ILE A 66 15.12 9.33 21.40
CA ILE A 66 15.63 8.01 20.96
C ILE A 66 14.66 7.55 19.88
N VAL A 67 15.15 7.06 18.75
CA VAL A 67 14.31 6.78 17.55
C VAL A 67 14.64 5.39 17.06
N LEU A 68 13.61 4.65 16.67
CA LEU A 68 13.76 3.39 15.94
C LEU A 68 13.25 3.58 14.51
N ASP A 69 14.11 3.28 13.54
CA ASP A 69 13.84 3.30 12.08
C ASP A 69 13.70 1.85 11.61
N VAL A 70 12.49 1.41 11.29
CA VAL A 70 12.20 -0.03 10.99
C VAL A 70 12.25 -0.26 9.49
N GLY A 71 13.13 -1.14 9.05
CA GLY A 71 13.33 -1.39 7.60
C GLY A 71 13.88 -0.14 6.97
N CYS A 72 15.04 0.31 7.46
CA CYS A 72 15.62 1.64 7.14
C CYS A 72 16.12 1.71 5.68
N GLY A 73 16.35 0.60 4.99
CA GLY A 73 16.90 0.71 3.62
C GLY A 73 18.25 1.42 3.64
N SER A 74 18.40 2.43 2.79
CA SER A 74 19.65 3.20 2.61
C SER A 74 19.93 4.01 3.90
N GLY A 75 18.88 4.29 4.68
CA GLY A 75 18.98 4.96 5.97
C GLY A 75 18.41 6.36 5.98
N ILE A 76 17.83 6.83 4.88
CA ILE A 76 17.47 8.27 4.71
C ILE A 76 16.62 8.75 5.90
N LEU A 77 15.59 7.99 6.38
CA LEU A 77 14.70 8.47 7.51
C LEU A 77 15.56 8.68 8.80
N SER A 78 16.54 7.81 9.03
CA SER A 78 17.52 7.95 10.12
C SER A 78 18.28 9.28 10.00
N PHE A 79 18.64 9.66 8.78
CA PHE A 79 19.28 11.00 8.58
C PHE A 79 18.31 12.12 8.87
N PHE A 80 17.06 11.97 8.45
CA PHE A 80 16.05 13.01 8.71
C PHE A 80 15.82 13.15 10.24
N ALA A 81 15.80 12.04 10.98
CA ALA A 81 15.71 12.06 12.45
C ALA A 81 16.94 12.83 13.02
N ALA A 82 18.14 12.55 12.51
CA ALA A 82 19.38 13.24 12.93
C ALA A 82 19.30 14.73 12.61
N GLN A 83 18.74 15.10 11.48
CA GLN A 83 18.59 16.52 11.06
C GLN A 83 17.71 17.25 12.08
N ALA A 84 16.80 16.54 12.68
CA ALA A 84 15.82 17.14 13.64
C ALA A 84 16.37 17.11 15.08
N GLY A 85 17.61 16.68 15.28
CA GLY A 85 18.32 16.70 16.56
C GLY A 85 18.15 15.44 17.38
N ALA A 86 17.67 14.32 16.86
CA ALA A 86 17.57 13.10 17.70
C ALA A 86 18.90 12.79 18.37
N ARG A 87 18.87 12.09 19.50
CA ARG A 87 20.06 11.80 20.34
C ARG A 87 20.70 10.54 19.78
N LYS A 88 19.88 9.55 19.48
CA LYS A 88 20.31 8.16 19.14
C LYS A 88 19.21 7.57 18.27
N ILE A 89 19.59 6.98 17.15
CA ILE A 89 18.64 6.36 16.17
C ILE A 89 19.09 4.94 15.90
N TYR A 90 18.25 3.96 16.18
CA TYR A 90 18.53 2.57 15.81
C TYR A 90 17.83 2.34 14.48
N ALA A 91 18.59 1.87 13.50
CA ALA A 91 18.15 1.70 12.10
C ALA A 91 18.28 0.23 11.80
N VAL A 92 17.15 -0.44 11.76
CA VAL A 92 17.10 -1.91 11.62
C VAL A 92 16.74 -2.24 10.17
N GLU A 93 17.50 -3.15 9.55
CA GLU A 93 17.36 -3.51 8.14
C GLU A 93 17.78 -4.97 7.96
N ALA A 94 16.88 -5.76 7.40
CA ALA A 94 17.06 -7.22 7.30
C ALA A 94 17.93 -7.58 6.09
N SER A 95 18.03 -6.73 5.07
CA SER A 95 18.77 -7.05 3.82
C SER A 95 20.19 -6.53 3.90
N THR A 96 20.99 -6.90 2.91
CA THR A 96 22.39 -6.43 2.69
C THR A 96 22.41 -4.91 2.41
N MET A 97 21.27 -4.25 2.26
CA MET A 97 21.24 -2.76 2.20
C MET A 97 21.81 -2.20 3.51
N ALA A 98 21.79 -2.99 4.59
CA ALA A 98 22.28 -2.53 5.92
C ALA A 98 23.76 -2.13 5.80
N GLN A 99 24.56 -2.91 5.05
CA GLN A 99 26.02 -2.66 4.85
C GLN A 99 26.16 -1.32 4.14
N HIS A 100 25.27 -1.01 3.18
CA HIS A 100 25.33 0.26 2.43
C HIS A 100 24.95 1.41 3.37
N ALA A 101 23.94 1.22 4.21
CA ALA A 101 23.53 2.22 5.23
C ALA A 101 24.74 2.57 6.15
N GLU A 102 25.50 1.59 6.67
CA GLU A 102 26.63 1.84 7.63
C GLU A 102 27.71 2.60 6.86
N VAL A 103 27.88 2.33 5.56
CA VAL A 103 28.76 3.21 4.73
C VAL A 103 28.22 4.64 4.73
N LEU A 104 26.92 4.89 4.54
CA LEU A 104 26.45 6.32 4.54
C LEU A 104 26.62 6.97 5.92
N VAL A 105 26.30 6.24 6.98
CA VAL A 105 26.41 6.78 8.36
C VAL A 105 27.88 7.19 8.62
N LYS A 106 28.86 6.32 8.34
CA LYS A 106 30.32 6.64 8.51
C LYS A 106 30.64 7.86 7.64
N SER A 107 30.23 7.90 6.38
CA SER A 107 30.63 9.01 5.47
C SER A 107 29.89 10.30 5.80
N ASN A 108 28.73 10.27 6.45
CA ASN A 108 28.10 11.57 6.87
C ASN A 108 28.45 11.92 8.34
N ASN A 109 29.41 11.21 8.94
CA ASN A 109 30.02 11.52 10.27
C ASN A 109 28.98 11.38 11.40
N LEU A 110 28.31 10.23 11.53
CA LEU A 110 27.14 10.10 12.42
C LEU A 110 27.16 8.78 13.16
N THR A 111 28.31 8.10 13.27
CA THR A 111 28.35 6.70 13.81
C THR A 111 27.97 6.71 15.31
N ASP A 112 28.21 7.84 15.97
CA ASP A 112 27.85 8.00 17.41
C ASP A 112 26.31 7.99 17.48
N ARG A 113 25.62 8.66 16.54
CA ARG A 113 24.18 8.96 16.66
C ARG A 113 23.29 7.96 15.92
N ILE A 114 23.68 7.44 14.76
CA ILE A 114 22.86 6.42 14.05
C ILE A 114 23.55 5.08 14.24
N VAL A 115 22.84 4.11 14.77
CA VAL A 115 23.38 2.74 14.97
C VAL A 115 22.61 1.84 14.01
N VAL A 116 23.30 1.31 13.02
CA VAL A 116 22.66 0.38 12.05
C VAL A 116 22.69 -0.98 12.69
N ILE A 117 21.58 -1.67 12.64
CA ILE A 117 21.48 -3.02 13.26
C ILE A 117 21.02 -3.97 12.16
N PRO A 118 21.93 -4.79 11.58
CA PRO A 118 21.55 -5.73 10.54
C PRO A 118 20.66 -6.86 11.11
N GLY A 119 19.46 -7.02 10.58
CA GLY A 119 18.59 -8.16 10.93
C GLY A 119 17.12 -7.78 10.93
N LYS A 120 16.28 -8.75 11.25
CA LYS A 120 14.80 -8.62 11.26
C LYS A 120 14.41 -7.91 12.57
N VAL A 121 13.47 -6.99 12.54
CA VAL A 121 13.12 -6.22 13.75
C VAL A 121 12.54 -7.18 14.80
N GLU A 122 12.07 -8.34 14.38
CA GLU A 122 11.48 -9.37 15.26
C GLU A 122 12.54 -10.13 16.08
N GLU A 123 13.81 -10.13 15.67
CA GLU A 123 14.84 -11.08 16.19
C GLU A 123 15.97 -10.31 16.90
N VAL A 124 16.18 -9.06 16.54
CA VAL A 124 17.37 -8.29 17.01
C VAL A 124 17.08 -7.82 18.42
N SER A 125 18.11 -7.26 19.08
CA SER A 125 18.02 -6.64 20.42
C SER A 125 18.26 -5.15 20.33
N LEU A 126 17.47 -4.36 21.02
CA LEU A 126 17.79 -2.95 21.26
C LEU A 126 18.22 -2.79 22.72
N PRO A 127 19.27 -2.03 23.03
CA PRO A 127 19.66 -1.80 24.43
C PRO A 127 18.70 -0.94 25.27
N GLU A 128 17.60 -0.44 24.70
CA GLU A 128 16.86 0.73 25.24
C GLU A 128 15.48 0.82 24.56
N GLN A 129 14.42 1.28 25.25
CA GLN A 129 13.08 1.57 24.67
C GLN A 129 13.16 2.91 23.93
N VAL A 130 12.21 3.29 23.07
CA VAL A 130 12.44 4.49 22.20
C VAL A 130 11.26 5.43 22.36
N ASP A 131 11.45 6.70 22.05
CA ASP A 131 10.36 7.70 22.09
C ASP A 131 9.49 7.65 20.83
N ILE A 132 10.06 7.12 19.73
CA ILE A 132 9.39 7.27 18.39
C ILE A 132 9.97 6.29 17.39
N ILE A 133 9.03 5.67 16.69
CA ILE A 133 9.26 4.70 15.61
C ILE A 133 8.89 5.41 14.32
N ILE A 134 9.83 5.34 13.36
CA ILE A 134 9.63 5.88 11.99
C ILE A 134 9.81 4.73 11.00
N SER A 135 9.08 4.75 9.90
CA SER A 135 9.17 3.69 8.88
C SER A 135 8.41 4.11 7.64
N GLU A 136 8.72 3.43 6.54
CA GLU A 136 7.93 3.48 5.31
C GLU A 136 7.60 2.04 5.00
N PRO A 137 6.51 1.56 5.61
CA PRO A 137 6.04 0.22 5.35
C PRO A 137 4.86 0.03 4.39
N MET A 138 4.51 1.03 3.60
CA MET A 138 3.29 0.97 2.76
C MET A 138 3.62 0.32 1.41
N GLY A 139 2.98 -0.82 1.11
CA GLY A 139 2.93 -1.45 -0.24
C GLY A 139 1.73 -0.92 -1.03
N TYR A 140 1.58 -1.37 -2.27
CA TYR A 140 0.37 -1.13 -3.10
C TYR A 140 -0.84 -1.40 -2.20
N MET A 141 -1.87 -0.57 -2.32
CA MET A 141 -3.13 -0.80 -1.56
C MET A 141 -2.79 -0.80 -0.06
N LEU A 142 -1.68 -0.16 0.33
CA LEU A 142 -1.16 -0.03 1.72
C LEU A 142 -0.64 -1.37 2.29
N PHE A 143 -1.36 -2.47 2.17
CA PHE A 143 -1.04 -3.69 2.95
C PHE A 143 -0.03 -4.59 2.22
N ASN A 144 0.00 -4.58 0.89
CA ASN A 144 0.91 -5.44 0.09
C ASN A 144 2.32 -5.41 0.68
N GLU A 145 3.00 -6.56 0.64
CA GLU A 145 4.33 -6.83 1.21
C GLU A 145 4.22 -7.08 2.72
N ARG A 146 3.13 -6.69 3.39
CA ARG A 146 2.92 -7.09 4.82
C ARG A 146 4.07 -6.59 5.71
N MET A 147 4.64 -5.44 5.38
CA MET A 147 5.71 -4.81 6.20
C MET A 147 5.06 -4.07 7.38
N LEU A 148 3.77 -3.72 7.26
CA LEU A 148 3.02 -3.13 8.39
C LEU A 148 3.08 -4.08 9.59
N GLU A 149 3.14 -5.41 9.39
CA GLU A 149 3.19 -6.38 10.51
C GLU A 149 4.49 -6.18 11.28
N SER A 150 5.54 -5.81 10.57
CA SER A 150 6.85 -5.60 11.22
C SER A 150 6.89 -4.27 11.95
N TYR A 151 6.24 -3.25 11.40
CA TYR A 151 6.13 -1.92 12.00
C TYR A 151 5.36 -2.02 13.31
N LEU A 152 4.25 -2.75 13.30
CA LEU A 152 3.42 -2.91 14.51
C LEU A 152 4.18 -3.75 15.52
N HIS A 153 4.87 -4.79 15.06
CA HIS A 153 5.70 -5.62 15.95
C HIS A 153 6.71 -4.77 16.72
N ALA A 154 7.19 -3.67 16.13
CA ALA A 154 8.29 -2.90 16.72
C ALA A 154 7.79 -2.15 17.94
N LYS A 155 6.48 -2.00 18.10
CA LYS A 155 5.87 -1.23 19.23
C LYS A 155 6.26 -1.80 20.60
N LYS A 156 6.74 -3.03 20.65
CA LYS A 156 7.26 -3.64 21.88
C LYS A 156 8.46 -2.80 22.34
N TYR A 157 9.05 -1.99 21.48
CA TYR A 157 10.22 -1.15 21.86
C TYR A 157 9.78 0.26 22.23
N LEU A 158 8.51 0.59 22.11
CA LEU A 158 8.02 1.98 22.25
C LEU A 158 7.56 2.27 23.70
N LYS A 159 8.07 3.32 24.32
CA LYS A 159 7.55 3.91 25.58
C LYS A 159 6.06 4.25 25.43
N PRO A 160 5.26 4.17 26.52
CA PRO A 160 3.86 4.66 26.55
C PRO A 160 3.64 6.13 26.12
N SER A 161 4.62 6.94 26.42
CA SER A 161 4.83 8.32 25.88
C SER A 161 4.74 8.34 24.33
N GLY A 162 5.09 7.22 23.66
CA GLY A 162 5.73 7.23 22.34
C GLY A 162 4.77 7.48 21.17
N ASN A 163 5.32 7.94 20.05
CA ASN A 163 4.61 8.24 18.78
C ASN A 163 5.11 7.28 17.66
N MET A 164 4.36 7.19 16.58
N MET A 164 4.32 7.20 16.59
CA MET A 164 4.86 6.53 15.37
CA MET A 164 4.54 6.44 15.32
C MET A 164 4.52 7.40 14.17
C MET A 164 4.47 7.43 14.15
N PHE A 165 5.45 7.37 13.21
CA PHE A 165 5.52 8.25 12.00
C PHE A 165 5.77 7.28 10.85
N PRO A 166 4.72 6.85 10.12
CA PRO A 166 3.39 7.44 10.25
C PRO A 166 2.50 6.86 11.38
N THR A 167 1.47 7.61 11.71
CA THR A 167 0.61 7.42 12.90
C THR A 167 -0.67 6.64 12.56
N ILE A 168 -1.37 7.00 11.47
CA ILE A 168 -2.58 6.29 10.94
C ILE A 168 -2.49 6.12 9.41
N GLY A 169 -3.29 5.22 8.89
CA GLY A 169 -3.44 4.95 7.45
C GLY A 169 -4.91 4.83 7.13
N ASP A 170 -5.34 5.54 6.12
CA ASP A 170 -6.68 5.42 5.52
C ASP A 170 -6.56 4.73 4.16
N VAL A 171 -7.27 3.63 3.98
CA VAL A 171 -7.56 3.02 2.66
C VAL A 171 -8.91 3.54 2.18
N HIS A 172 -8.94 4.04 0.96
CA HIS A 172 -10.14 4.51 0.24
C HIS A 172 -10.49 3.47 -0.82
N LEU A 173 -11.79 3.15 -0.95
CA LEU A 173 -12.38 2.30 -2.03
C LEU A 173 -13.44 3.15 -2.68
N ALA A 174 -13.58 3.06 -3.99
CA ALA A 174 -14.73 3.65 -4.73
C ALA A 174 -15.03 2.82 -5.97
N PRO A 175 -16.28 2.75 -6.41
CA PRO A 175 -16.62 2.02 -7.62
C PRO A 175 -16.23 2.83 -8.82
N PHE A 176 -15.80 2.15 -9.91
CA PHE A 176 -15.47 2.86 -11.16
C PHE A 176 -16.19 2.25 -12.34
N THR A 177 -16.21 3.02 -13.42
CA THR A 177 -16.80 2.65 -14.70
C THR A 177 -15.63 2.82 -15.66
N ASP A 178 -15.20 1.77 -16.33
CA ASP A 178 -14.07 1.83 -17.31
C ASP A 178 -14.19 0.66 -18.29
N GLU A 179 -15.01 0.88 -19.29
CA GLU A 179 -15.35 -0.10 -20.32
C GLU A 179 -14.05 -0.46 -21.07
N GLN A 180 -13.17 0.50 -21.33
CA GLN A 180 -11.90 0.30 -22.06
C GLN A 180 -11.07 -0.79 -21.31
N LEU A 181 -10.98 -0.73 -19.99
CA LEU A 181 -10.13 -1.61 -19.19
C LEU A 181 -10.79 -3.00 -19.16
N TYR A 182 -12.10 -3.06 -18.90
CA TYR A 182 -12.90 -4.30 -18.94
C TYR A 182 -12.62 -5.05 -20.25
N MET A 183 -12.87 -4.40 -21.38
CA MET A 183 -12.79 -5.02 -22.72
C MET A 183 -11.35 -5.49 -23.00
N GLU A 184 -10.32 -4.79 -22.51
CA GLU A 184 -8.88 -5.11 -22.68
C GLU A 184 -8.62 -6.54 -22.22
N GLN A 185 -9.27 -6.96 -21.14
CA GLN A 185 -9.13 -8.29 -20.53
C GLN A 185 -9.61 -9.36 -21.51
N PHE A 186 -10.68 -9.11 -22.26
CA PHE A 186 -11.18 -10.04 -23.29
C PHE A 186 -10.16 -10.00 -24.45
N THR A 187 -9.75 -8.82 -24.87
CA THR A 187 -8.89 -8.65 -26.06
C THR A 187 -7.57 -9.42 -25.83
N LYS A 188 -7.04 -9.33 -24.63
CA LYS A 188 -5.71 -9.92 -24.29
C LYS A 188 -5.82 -11.44 -24.40
N ALA A 189 -7.00 -12.02 -24.24
CA ALA A 189 -7.16 -13.49 -24.26
C ALA A 189 -7.53 -14.05 -25.65
N ASN A 190 -7.62 -13.21 -26.68
N ASN A 190 -7.65 -13.22 -26.66
CA ASN A 190 -8.28 -13.63 -27.95
CA ASN A 190 -8.36 -13.68 -27.87
C ASN A 190 -7.24 -14.38 -28.82
C ASN A 190 -7.31 -14.52 -28.69
N PHE A 191 -6.00 -14.47 -28.34
CA PHE A 191 -4.96 -15.45 -28.77
C PHE A 191 -5.48 -16.92 -28.69
N TRP A 192 -6.15 -17.24 -27.59
CA TRP A 192 -6.74 -18.53 -27.23
C TRP A 192 -7.99 -18.87 -28.05
N TYR A 193 -8.41 -18.00 -28.97
CA TYR A 193 -9.59 -18.35 -29.81
C TYR A 193 -9.19 -19.33 -30.92
N GLN A 194 -7.91 -19.33 -31.30
CA GLN A 194 -7.39 -19.99 -32.52
C GLN A 194 -7.80 -21.46 -32.52
N PRO A 195 -8.59 -21.85 -33.54
CA PRO A 195 -9.02 -23.24 -33.70
C PRO A 195 -7.88 -24.08 -34.33
N SER A 196 -6.94 -23.45 -35.04
CA SER A 196 -5.73 -24.08 -35.60
C SER A 196 -4.45 -23.24 -35.37
N PHE A 197 -3.94 -23.24 -34.15
CA PHE A 197 -2.57 -22.72 -33.86
C PHE A 197 -1.61 -23.87 -34.15
N HIS A 198 -1.01 -23.85 -35.32
CA HIS A 198 -0.10 -24.90 -35.84
C HIS A 198 -0.83 -26.26 -35.72
N GLY A 199 -2.10 -26.36 -36.14
CA GLY A 199 -2.90 -27.61 -36.06
C GLY A 199 -3.50 -27.88 -34.66
N VAL A 200 -3.37 -26.94 -33.71
CA VAL A 200 -3.91 -27.18 -32.36
C VAL A 200 -5.10 -26.21 -32.16
N ASP A 201 -6.19 -26.72 -31.61
CA ASP A 201 -7.38 -25.92 -31.26
C ASP A 201 -7.16 -25.43 -29.83
N LEU A 202 -6.93 -24.13 -29.67
CA LEU A 202 -6.68 -23.51 -28.33
C LEU A 202 -8.00 -23.13 -27.62
N SER A 203 -9.11 -23.01 -28.37
CA SER A 203 -10.37 -22.29 -27.98
C SER A 203 -10.87 -22.69 -26.60
N ALA A 204 -10.71 -23.94 -26.20
CA ALA A 204 -11.28 -24.42 -24.92
C ALA A 204 -10.60 -23.75 -23.73
N LEU A 205 -9.48 -23.07 -23.92
CA LEU A 205 -8.80 -22.43 -22.77
C LEU A 205 -9.13 -20.91 -22.76
N ARG A 206 -9.87 -20.39 -23.72
CA ARG A 206 -10.07 -18.91 -23.78
C ARG A 206 -10.69 -18.40 -22.47
N GLY A 207 -11.72 -19.08 -21.96
CA GLY A 207 -12.40 -18.71 -20.71
C GLY A 207 -11.44 -18.74 -19.53
N ALA A 208 -10.53 -19.72 -19.44
CA ALA A 208 -9.62 -19.77 -18.28
C ALA A 208 -8.65 -18.58 -18.38
N ALA A 209 -8.20 -18.24 -19.57
CA ALA A 209 -7.29 -17.09 -19.82
C ALA A 209 -7.98 -15.76 -19.39
N VAL A 210 -9.20 -15.52 -19.85
CA VAL A 210 -10.01 -14.31 -19.47
C VAL A 210 -9.98 -14.24 -17.97
N ASP A 211 -10.30 -15.38 -17.38
CA ASP A 211 -10.47 -15.50 -15.94
C ASP A 211 -9.20 -15.11 -15.20
N GLU A 212 -8.08 -15.63 -15.62
CA GLU A 212 -6.75 -15.26 -15.05
C GLU A 212 -6.52 -13.75 -15.21
N TYR A 213 -6.81 -13.15 -16.35
CA TYR A 213 -6.55 -11.70 -16.48
C TYR A 213 -7.37 -10.93 -15.44
N PHE A 214 -8.62 -11.33 -15.25
CA PHE A 214 -9.53 -10.64 -14.32
C PHE A 214 -9.05 -10.78 -12.91
N ARG A 215 -8.22 -11.77 -12.60
CA ARG A 215 -7.75 -11.97 -11.19
C ARG A 215 -6.49 -11.14 -10.89
N GLN A 216 -6.00 -10.36 -11.85
CA GLN A 216 -4.83 -9.46 -11.63
C GLN A 216 -5.30 -8.03 -11.25
N PRO A 217 -4.96 -7.51 -10.07
CA PRO A 217 -5.24 -6.14 -9.72
C PRO A 217 -4.51 -5.25 -10.70
N VAL A 218 -5.13 -4.14 -11.07
CA VAL A 218 -4.53 -3.27 -12.10
C VAL A 218 -3.87 -2.10 -11.36
N VAL A 219 -2.55 -2.01 -11.45
CA VAL A 219 -1.76 -0.88 -10.89
C VAL A 219 -1.53 0.14 -11.99
N ASP A 220 -2.19 1.26 -11.88
CA ASP A 220 -1.91 2.48 -12.65
C ASP A 220 -2.84 3.57 -12.14
N THR A 221 -2.67 4.72 -12.70
CA THR A 221 -3.48 5.90 -12.36
C THR A 221 -4.64 6.00 -13.35
N PHE A 222 -5.65 6.77 -13.00
CA PHE A 222 -6.86 7.04 -13.81
C PHE A 222 -7.35 8.44 -13.47
N ASP A 223 -8.15 9.02 -14.35
CA ASP A 223 -8.89 10.28 -14.11
C ASP A 223 -10.02 10.04 -13.10
N ILE A 224 -10.27 10.94 -12.19
CA ILE A 224 -11.35 10.79 -11.17
C ILE A 224 -12.73 10.76 -11.81
N ARG A 225 -12.89 11.18 -13.06
CA ARG A 225 -14.15 11.17 -13.84
C ARG A 225 -14.72 9.74 -13.86
N ILE A 226 -13.93 8.68 -13.62
CA ILE A 226 -14.41 7.26 -13.66
C ILE A 226 -15.08 6.89 -12.34
N LEU A 227 -14.91 7.65 -11.27
CA LEU A 227 -15.51 7.22 -9.98
C LEU A 227 -16.99 7.55 -10.02
N MET A 228 -17.81 6.63 -9.54
CA MET A 228 -19.28 6.64 -9.69
CA MET A 228 -19.28 6.64 -9.69
C MET A 228 -19.96 6.97 -8.34
N ALA A 229 -19.16 7.17 -7.30
CA ALA A 229 -19.62 7.39 -5.91
C ALA A 229 -18.44 7.93 -5.12
N LYS A 230 -18.72 8.57 -4.02
CA LYS A 230 -17.68 9.06 -3.09
C LYS A 230 -17.10 7.86 -2.35
N SER A 231 -15.80 7.91 -2.03
CA SER A 231 -15.06 6.79 -1.44
C SER A 231 -15.57 6.52 -0.03
N VAL A 232 -15.55 5.26 0.34
CA VAL A 232 -15.54 4.77 1.73
C VAL A 232 -14.09 4.75 2.23
N LYS A 233 -13.90 5.07 3.49
CA LYS A 233 -12.60 5.14 4.21
C LYS A 233 -12.56 4.01 5.24
N TYR A 234 -11.48 3.21 5.24
CA TYR A 234 -11.18 2.27 6.32
C TYR A 234 -9.86 2.71 6.97
N THR A 235 -9.88 2.99 8.27
CA THR A 235 -8.74 3.59 9.01
C THR A 235 -8.05 2.55 9.85
N VAL A 236 -6.72 2.47 9.81
CA VAL A 236 -5.90 1.67 10.77
C VAL A 236 -5.16 2.69 11.63
N ASN A 237 -5.27 2.59 12.94
CA ASN A 237 -4.55 3.50 13.87
C ASN A 237 -3.30 2.75 14.30
N PHE A 238 -2.12 3.13 13.81
CA PHE A 238 -0.94 2.26 14.03
C PHE A 238 -0.54 2.32 15.52
N LEU A 239 -0.86 3.41 16.24
CA LEU A 239 -0.64 3.48 17.73
C LEU A 239 -1.36 2.32 18.45
N GLU A 240 -2.53 1.87 17.95
CA GLU A 240 -3.43 0.93 18.70
C GLU A 240 -3.47 -0.45 18.04
N ALA A 241 -3.28 -0.56 16.72
CA ALA A 241 -3.54 -1.83 15.99
C ALA A 241 -2.47 -2.82 16.41
N LYS A 242 -2.75 -4.11 16.26
CA LYS A 242 -1.81 -5.18 16.67
C LYS A 242 -1.53 -5.99 15.41
N GLU A 243 -0.38 -6.67 15.38
CA GLU A 243 0.15 -7.44 14.22
C GLU A 243 -0.95 -8.32 13.60
N GLY A 244 -1.70 -9.06 14.43
CA GLY A 244 -2.70 -10.04 13.97
C GLY A 244 -3.95 -9.38 13.36
N ASP A 245 -4.19 -8.08 13.55
CA ASP A 245 -5.34 -7.41 12.90
C ASP A 245 -5.17 -7.49 11.37
N LEU A 246 -3.95 -7.66 10.84
CA LEU A 246 -3.71 -7.50 9.37
C LEU A 246 -3.73 -8.87 8.67
N HIS A 247 -3.97 -9.98 9.40
CA HIS A 247 -4.09 -11.34 8.80
C HIS A 247 -5.39 -11.39 8.01
N ARG A 248 -6.44 -10.76 8.54
CA ARG A 248 -7.79 -10.77 7.96
C ARG A 248 -8.32 -9.34 8.07
N ILE A 249 -8.49 -8.65 6.96
CA ILE A 249 -8.98 -7.25 7.03
C ILE A 249 -10.33 -7.23 6.35
N GLU A 250 -11.32 -6.76 7.04
CA GLU A 250 -12.70 -6.82 6.51
C GLU A 250 -13.14 -5.38 6.28
N ILE A 251 -13.55 -5.07 5.07
CA ILE A 251 -13.93 -3.69 4.71
C ILE A 251 -15.32 -3.71 4.10
N PRO A 252 -16.37 -3.48 4.90
CA PRO A 252 -17.72 -3.41 4.36
C PRO A 252 -17.85 -2.04 3.69
N PHE A 253 -18.73 -1.92 2.71
CA PHE A 253 -19.00 -0.63 2.06
C PHE A 253 -20.47 -0.51 1.65
N LYS A 254 -20.97 0.71 1.63
CA LYS A 254 -22.28 1.10 1.08
C LYS A 254 -21.97 2.35 0.27
N PHE A 255 -22.15 2.33 -1.05
CA PHE A 255 -21.93 3.53 -1.87
C PHE A 255 -23.28 4.10 -2.31
N HIS A 256 -23.35 5.42 -2.39
N HIS A 256 -23.44 5.41 -2.24
CA HIS A 256 -24.51 6.16 -2.93
CA HIS A 256 -24.57 6.13 -2.90
C HIS A 256 -24.17 6.60 -4.34
C HIS A 256 -24.09 6.50 -4.30
N MET A 257 -24.71 5.91 -5.32
CA MET A 257 -24.29 6.05 -6.71
C MET A 257 -24.65 7.45 -7.15
N LEU A 258 -23.69 8.16 -7.71
CA LEU A 258 -23.86 9.57 -8.14
C LEU A 258 -24.04 9.62 -9.64
N HIS A 259 -23.84 8.48 -10.32
CA HIS A 259 -23.92 8.37 -11.79
C HIS A 259 -24.62 7.06 -12.16
N SER A 260 -25.10 7.04 -13.37
CA SER A 260 -25.87 5.93 -13.96
C SER A 260 -24.91 5.30 -14.95
N GLY A 261 -24.66 4.00 -14.78
CA GLY A 261 -23.97 3.19 -15.79
C GLY A 261 -23.46 1.87 -15.26
N LEU A 262 -22.58 1.24 -16.02
CA LEU A 262 -21.89 -0.01 -15.58
C LEU A 262 -20.80 0.35 -14.60
N VAL A 263 -20.82 -0.33 -13.48
CA VAL A 263 -19.70 -0.38 -12.52
C VAL A 263 -18.86 -1.61 -12.87
N HIS A 264 -17.59 -1.42 -13.22
CA HIS A 264 -16.69 -2.51 -13.65
C HIS A 264 -15.85 -3.03 -12.49
N GLY A 265 -15.75 -2.31 -11.38
CA GLY A 265 -15.02 -2.79 -10.20
C GLY A 265 -14.81 -1.70 -9.15
N LEU A 266 -13.89 -1.94 -8.23
CA LEU A 266 -13.51 -0.99 -7.15
C LEU A 266 -12.08 -0.47 -7.37
N ALA A 267 -11.85 0.79 -7.09
CA ALA A 267 -10.55 1.46 -7.08
C ALA A 267 -10.17 1.71 -5.64
N PHE A 268 -8.89 1.54 -5.38
CA PHE A 268 -8.24 1.60 -4.07
C PHE A 268 -7.10 2.58 -4.13
N TRP A 269 -6.98 3.32 -3.04
CA TRP A 269 -5.79 4.14 -2.76
C TRP A 269 -5.67 4.33 -1.26
N PHE A 270 -4.60 4.98 -0.81
CA PHE A 270 -4.40 5.17 0.62
C PHE A 270 -3.73 6.51 0.90
N ASP A 271 -3.88 6.94 2.16
CA ASP A 271 -3.29 8.15 2.79
C ASP A 271 -2.74 7.71 4.14
N VAL A 272 -1.61 8.28 4.51
CA VAL A 272 -1.02 8.10 5.85
C VAL A 272 -0.82 9.49 6.39
N ALA A 273 -0.95 9.59 7.72
CA ALA A 273 -0.88 10.83 8.49
C ALA A 273 0.24 10.66 9.51
N PHE A 274 1.05 11.70 9.58
CA PHE A 274 2.17 11.86 10.52
C PHE A 274 1.59 12.89 11.50
N ILE A 275 1.16 12.42 12.65
CA ILE A 275 0.41 13.28 13.61
C ILE A 275 1.46 13.75 14.64
N GLY A 276 2.02 14.94 14.41
CA GLY A 276 3.11 15.41 15.28
C GLY A 276 2.53 16.35 16.34
N SER A 277 3.35 16.77 17.30
CA SER A 277 3.00 17.85 18.29
C SER A 277 2.71 19.13 17.54
N ILE A 278 3.51 19.45 16.55
CA ILE A 278 3.37 20.80 15.91
C ILE A 278 2.35 20.71 14.82
N MET A 279 2.37 19.63 14.03
CA MET A 279 1.57 19.60 12.80
C MET A 279 1.23 18.16 12.40
N THR A 280 0.14 18.02 11.66
CA THR A 280 -0.22 16.76 11.03
C THR A 280 0.15 16.90 9.55
N VAL A 281 1.02 16.03 9.09
CA VAL A 281 1.37 15.93 7.63
C VAL A 281 0.78 14.64 7.03
N TRP A 282 0.17 14.80 5.85
CA TRP A 282 -0.47 13.77 5.01
C TRP A 282 0.43 13.39 3.83
N LEU A 283 0.62 12.11 3.60
CA LEU A 283 1.12 11.57 2.31
C LEU A 283 -0.04 10.86 1.67
N SER A 284 -0.58 11.41 0.58
CA SER A 284 -1.75 10.90 -0.14
C SER A 284 -1.34 10.29 -1.50
N THR A 285 -1.89 9.12 -1.83
CA THR A 285 -1.76 8.41 -3.14
C THR A 285 -3.06 8.48 -3.90
N ALA A 286 -3.92 9.46 -3.57
CA ALA A 286 -5.25 9.68 -4.19
C ALA A 286 -5.09 10.17 -5.62
N PRO A 287 -6.03 9.78 -6.50
CA PRO A 287 -5.97 10.17 -7.89
C PRO A 287 -6.18 11.68 -8.09
N THR A 288 -6.65 12.39 -7.08
CA THR A 288 -6.73 13.88 -7.11
C THR A 288 -5.41 14.53 -6.63
N GLU A 289 -4.37 13.77 -6.32
CA GLU A 289 -3.07 14.30 -5.83
C GLU A 289 -2.00 13.95 -6.83
N PRO A 290 -0.80 14.56 -6.79
CA PRO A 290 0.24 14.19 -7.75
C PRO A 290 0.58 12.69 -7.66
N LEU A 291 0.93 12.14 -8.80
CA LEU A 291 1.31 10.71 -8.98
C LEU A 291 2.46 10.33 -8.05
N THR A 292 2.38 9.15 -7.47
CA THR A 292 3.45 8.51 -6.70
C THR A 292 3.73 7.21 -7.41
N HIS A 293 4.75 6.53 -6.98
CA HIS A 293 5.10 5.25 -7.60
C HIS A 293 4.19 4.20 -6.90
N TRP A 294 3.23 4.58 -6.03
CA TRP A 294 2.16 3.66 -5.56
C TRP A 294 1.03 3.63 -6.58
N TYR A 295 0.95 4.61 -7.46
CA TYR A 295 -0.15 4.76 -8.43
C TYR A 295 -1.45 4.62 -7.60
N GLN A 296 -2.38 3.85 -8.14
CA GLN A 296 -3.68 3.43 -7.51
C GLN A 296 -3.94 2.01 -8.00
N VAL A 297 -4.87 1.31 -7.40
CA VAL A 297 -5.12 -0.12 -7.76
C VAL A 297 -6.59 -0.32 -8.07
N ARG A 298 -6.91 -0.95 -9.19
CA ARG A 298 -8.31 -1.32 -9.58
C ARG A 298 -8.46 -2.83 -9.71
N CYS A 299 -9.49 -3.36 -9.05
CA CYS A 299 -9.92 -4.75 -9.12
C CYS A 299 -11.22 -4.81 -9.90
N LEU A 300 -11.25 -5.47 -11.04
CA LEU A 300 -12.48 -5.68 -11.82
C LEU A 300 -13.38 -6.69 -11.11
N PHE A 301 -14.69 -6.50 -11.24
CA PHE A 301 -15.64 -7.60 -11.03
C PHE A 301 -15.50 -8.57 -12.23
N GLN A 302 -15.80 -9.85 -12.03
CA GLN A 302 -15.89 -10.86 -13.15
C GLN A 302 -16.89 -10.37 -14.22
N SER A 303 -17.97 -9.69 -13.84
CA SER A 303 -18.95 -9.08 -14.78
C SER A 303 -19.55 -7.81 -14.16
N PRO A 304 -19.77 -6.78 -14.95
CA PRO A 304 -20.12 -5.49 -14.39
C PRO A 304 -21.57 -5.45 -13.90
N LEU A 305 -21.89 -4.48 -13.04
CA LEU A 305 -23.25 -4.24 -12.47
C LEU A 305 -23.79 -2.92 -13.04
N PHE A 306 -25.02 -2.91 -13.54
CA PHE A 306 -25.74 -1.68 -13.91
C PHE A 306 -26.29 -1.00 -12.64
N ALA A 307 -25.96 0.25 -12.42
CA ALA A 307 -26.55 1.04 -11.30
C ALA A 307 -27.00 2.41 -11.80
N LYS A 308 -28.15 2.85 -11.30
CA LYS A 308 -28.72 4.20 -11.53
C LYS A 308 -28.16 5.10 -10.44
N ALA A 309 -27.89 6.35 -10.77
CA ALA A 309 -27.77 7.46 -9.78
C ALA A 309 -28.92 7.31 -8.77
N GLY A 310 -28.63 7.36 -7.47
CA GLY A 310 -29.63 7.16 -6.42
C GLY A 310 -29.60 5.76 -5.84
N ASP A 311 -29.20 4.75 -6.62
CA ASP A 311 -29.11 3.36 -6.10
C ASP A 311 -28.00 3.26 -5.05
N THR A 312 -27.97 2.17 -4.30
CA THR A 312 -26.90 1.94 -3.33
C THR A 312 -26.18 0.66 -3.78
N LEU A 313 -24.88 0.71 -3.74
CA LEU A 313 -24.02 -0.46 -4.08
C LEU A 313 -23.35 -0.89 -2.80
N SER A 314 -23.71 -2.04 -2.28
CA SER A 314 -23.26 -2.52 -0.96
C SER A 314 -22.49 -3.84 -1.13
N GLY A 315 -21.53 -4.08 -0.24
CA GLY A 315 -20.82 -5.36 -0.17
C GLY A 315 -19.66 -5.27 0.80
N THR A 316 -18.65 -6.08 0.54
CA THR A 316 -17.55 -6.38 1.46
C THR A 316 -16.32 -6.63 0.59
N CYS A 317 -15.22 -6.01 0.99
CA CYS A 317 -13.87 -6.30 0.51
C CYS A 317 -13.12 -7.03 1.65
N LEU A 318 -12.62 -8.21 1.40
CA LEU A 318 -11.94 -8.99 2.47
C LEU A 318 -10.51 -9.22 1.98
N LEU A 319 -9.51 -8.80 2.75
CA LEU A 319 -8.09 -9.06 2.43
C LEU A 319 -7.60 -10.16 3.37
N ILE A 320 -7.23 -11.33 2.84
CA ILE A 320 -6.62 -12.45 3.62
C ILE A 320 -5.12 -12.49 3.34
N ALA A 321 -4.28 -12.37 4.37
CA ALA A 321 -2.81 -12.47 4.24
C ALA A 321 -2.43 -13.91 3.83
N ASN A 322 -1.51 -14.08 2.87
CA ASN A 322 -1.01 -15.40 2.34
C ASN A 322 0.48 -15.58 2.69
N LYS A 323 0.97 -16.83 2.56
CA LYS A 323 2.40 -17.20 2.74
C LYS A 323 3.32 -16.39 1.80
N ARG A 324 2.85 -15.94 0.64
CA ARG A 324 3.71 -15.20 -0.34
C ARG A 324 3.94 -13.73 0.11
N GLN A 325 3.73 -13.33 1.39
CA GLN A 325 3.86 -11.92 1.90
C GLN A 325 2.91 -10.97 1.13
N SER A 326 1.81 -11.47 0.57
CA SER A 326 0.77 -10.61 -0.06
C SER A 326 -0.61 -11.00 0.47
N TYR A 327 -1.68 -10.64 -0.25
CA TYR A 327 -3.08 -10.84 0.19
C TYR A 327 -3.88 -11.47 -0.93
N ASP A 328 -4.87 -12.27 -0.54
CA ASP A 328 -5.99 -12.63 -1.44
C ASP A 328 -7.08 -11.57 -1.19
N ILE A 329 -7.62 -10.98 -2.24
CA ILE A 329 -8.64 -9.92 -2.20
C ILE A 329 -9.94 -10.58 -2.66
N SER A 330 -10.89 -10.70 -1.78
CA SER A 330 -12.26 -11.12 -2.14
C SER A 330 -13.12 -9.85 -2.20
N ILE A 331 -13.80 -9.62 -3.30
CA ILE A 331 -14.76 -8.50 -3.37
C ILE A 331 -16.14 -9.09 -3.70
N VAL A 332 -17.15 -8.62 -2.98
CA VAL A 332 -18.60 -8.92 -3.22
C VAL A 332 -19.36 -7.60 -3.22
N ALA A 333 -20.16 -7.32 -4.25
CA ALA A 333 -21.01 -6.12 -4.35
C ALA A 333 -22.39 -6.51 -4.90
N GLN A 334 -23.45 -5.88 -4.40
CA GLN A 334 -24.76 -5.94 -5.08
C GLN A 334 -25.36 -4.55 -5.07
N VAL A 335 -26.15 -4.29 -6.10
CA VAL A 335 -27.03 -3.10 -6.15
C VAL A 335 -28.30 -3.48 -5.37
N ASP A 336 -28.57 -2.84 -4.23
CA ASP A 336 -29.70 -3.18 -3.34
C ASP A 336 -31.02 -3.12 -4.13
N GLN A 337 -31.20 -2.13 -5.00
CA GLN A 337 -32.49 -1.87 -5.67
C GLN A 337 -32.85 -3.01 -6.62
N THR A 338 -31.89 -3.67 -7.30
CA THR A 338 -32.12 -4.78 -8.28
C THR A 338 -31.78 -6.16 -7.71
N GLY A 339 -30.99 -6.27 -6.64
CA GLY A 339 -30.37 -7.56 -6.20
C GLY A 339 -29.29 -8.14 -7.14
N SER A 340 -29.00 -7.52 -8.27
CA SER A 340 -27.90 -7.86 -9.23
C SER A 340 -26.56 -7.86 -8.45
N LYS A 341 -25.78 -8.92 -8.53
CA LYS A 341 -24.61 -9.22 -7.65
C LYS A 341 -23.42 -9.63 -8.53
N SER A 342 -22.23 -9.23 -8.08
CA SER A 342 -20.95 -9.59 -8.74
C SER A 342 -19.86 -9.82 -7.69
N SER A 343 -18.81 -10.53 -8.07
CA SER A 343 -17.69 -10.81 -7.17
C SER A 343 -16.38 -10.99 -7.95
N ASN A 344 -15.30 -11.16 -7.22
CA ASN A 344 -14.02 -11.56 -7.80
C ASN A 344 -13.14 -11.95 -6.62
N LEU A 345 -12.14 -12.76 -6.90
CA LEU A 345 -11.06 -13.13 -5.93
C LEU A 345 -9.76 -12.91 -6.73
N LEU A 346 -8.96 -11.96 -6.26
CA LEU A 346 -7.78 -11.39 -6.93
C LEU A 346 -6.57 -11.74 -6.11
N ASP A 347 -5.45 -11.85 -6.80
CA ASP A 347 -4.16 -12.18 -6.15
C ASP A 347 -3.30 -10.93 -6.26
N LEU A 348 -3.04 -10.28 -5.13
CA LEU A 348 -2.18 -9.08 -5.18
C LEU A 348 -0.70 -9.45 -5.42
N LYS A 349 -0.31 -10.72 -5.33
CA LYS A 349 1.08 -11.16 -5.60
C LYS A 349 1.31 -10.95 -7.09
N ASN A 350 0.25 -10.95 -7.90
CA ASN A 350 0.38 -10.99 -9.38
C ASN A 350 -0.26 -9.75 -10.03
N PRO A 351 0.15 -8.50 -9.72
CA PRO A 351 -0.53 -7.35 -10.31
C PRO A 351 -0.26 -7.26 -11.82
N PHE A 352 -1.17 -6.61 -12.57
CA PHE A 352 -0.91 -6.08 -13.92
C PHE A 352 -0.49 -4.60 -13.80
N PHE A 353 0.74 -4.31 -14.19
CA PHE A 353 1.35 -2.96 -14.15
C PHE A 353 1.02 -2.30 -15.49
N ARG A 354 -0.15 -1.69 -15.58
CA ARG A 354 -0.65 -1.14 -16.87
C ARG A 354 -0.03 0.23 -17.24
N TYR A 355 0.52 1.02 -16.30
CA TYR A 355 1.10 2.39 -16.53
C TYR A 355 2.15 2.40 -17.67
N1 I0B B . 12.78 -6.37 9.74
C7 I0B B . 11.07 -2.11 3.53
C8 I0B B . 11.29 0.22 2.98
N2 I0B B . 13.80 -5.01 8.03
C9 I0B B . 12.67 0.69 2.76
O1 I0B B . 13.43 3.03 1.64
C1 I0B B . 13.63 -5.44 9.28
C5 I0B B . 13.31 -4.28 5.06
C6 I0B B . 12.47 -2.37 4.05
N3 I0B B . 11.35 -7.02 6.39
C4 I0B B . 11.85 -6.30 5.42
C3 I0B B . 12.02 -6.58 7.52
O3 I0B B . 14.79 -5.08 3.35
C2 I0B B . 12.95 -5.60 7.19
N4 I0B B . 12.81 -5.40 5.83
BR I0B B . 7.66 4.68 -4.54
C24 I0B B . 6.90 3.09 -3.86
C23 I0B B . 7.27 2.72 -2.60
C25 I0B B . 6.16 2.25 -4.70
C26 I0B B . 5.86 0.95 -4.27
C27 I0B B . 6.29 0.53 -3.01
C22 I0B B . 6.99 1.44 -2.18
N9 I0B B . 7.34 1.36 -0.85
C21 I0B B . 7.25 0.16 -0.42
N10 I0B B . 7.11 -0.78 -1.40
N8 I0B B . 7.43 0.00 0.83
C20 I0B B . 7.35 -1.24 1.56
C19 I0B B . 8.57 -1.32 2.38
C18 I0B B . 9.89 -1.24 1.59
N5 I0B B . 11.08 -1.14 2.45
O I0B B . 12.34 -3.28 5.15
C28 I0B B . 13.43 -3.05 3.06
O2 I0B B . 14.66 -2.36 3.11
C29 I0B B . 13.50 -4.50 3.55
C I0B B . 11.95 -6.97 8.88
N I0B B . 11.09 -7.89 9.36
N6 I0B B . 12.98 1.87 3.54
C10 I0B B . 13.38 2.99 2.89
N7 I0B B . 13.68 4.03 3.69
C11 I0B B . 14.20 5.28 3.15
C12 I0B B . 13.16 6.29 2.75
C17 I0B B . 11.86 6.18 3.24
C16 I0B B . 10.92 7.14 2.93
C15 I0B B . 11.26 8.23 2.13
C14 I0B B . 12.54 8.35 1.67
C13 I0B B . 13.48 7.37 1.95
UNK UNX C . -18.76 13.04 -10.67
UNK UNX D . -14.80 -16.48 -14.62
#